data_3CVD
#
_entry.id   3CVD
#
_cell.length_a   85.843
_cell.length_b   85.843
_cell.length_c   90.282
_cell.angle_alpha   90.00
_cell.angle_beta   90.00
_cell.angle_gamma   90.00
#
_symmetry.space_group_name_H-M   'P 43 21 2'
#
loop_
_entity.id
_entity.type
_entity.pdbx_description
1 polymer Plastocyanin
2 non-polymer 'COPPER (I) ION'
3 non-polymer 'ZINC ION'
4 water water
#
_entity_poly.entity_id   1
_entity_poly.type   'polypeptide(L)'
_entity_poly.pdbx_seq_one_letter_code
;ETFTVKMGADSGLFQFEPANVTVHPGDTVKWVNNKLPPHNILFDDKQVPGASKELADKLSHSQLMFSPGESYEITFSSDF
PAGTYTYYCAPHRGAGMVGKITVEG
;
_entity_poly.pdbx_strand_id   A,B,C
#
loop_
_chem_comp.id
_chem_comp.type
_chem_comp.name
_chem_comp.formula
CU1 non-polymer 'COPPER (I) ION' 'Cu 1'
ZN non-polymer 'ZINC ION' 'Zn 2'
#
# COMPACT_ATOMS: atom_id res chain seq x y z
N GLU A 1 -11.18 18.15 -5.96
CA GLU A 1 -12.03 17.26 -5.12
C GLU A 1 -11.50 15.83 -5.19
N THR A 2 -11.56 15.10 -4.08
CA THR A 2 -11.25 13.65 -4.05
C THR A 2 -12.54 12.89 -3.84
N PHE A 3 -12.78 11.92 -4.72
CA PHE A 3 -13.88 10.99 -4.66
C PHE A 3 -13.38 9.65 -4.23
N THR A 4 -13.96 9.10 -3.18
CA THR A 4 -13.56 7.79 -2.69
C THR A 4 -14.50 6.73 -3.25
N VAL A 5 -13.92 5.63 -3.69
CA VAL A 5 -14.65 4.47 -4.17
C VAL A 5 -14.30 3.29 -3.28
N LYS A 6 -15.31 2.72 -2.64
CA LYS A 6 -15.12 1.51 -1.84
C LYS A 6 -14.97 0.32 -2.75
N MET A 7 -14.00 -0.52 -2.48
CA MET A 7 -13.89 -1.81 -3.16
C MET A 7 -14.53 -2.85 -2.25
N GLY A 8 -15.72 -3.28 -2.65
CA GLY A 8 -16.59 -4.06 -1.81
C GLY A 8 -17.56 -3.19 -1.06
N ALA A 9 -18.84 -3.52 -1.16
CA ALA A 9 -19.89 -2.83 -0.38
C ALA A 9 -19.79 -3.22 1.09
N ASP A 10 -20.22 -2.32 1.97
CA ASP A 10 -20.25 -2.60 3.41
C ASP A 10 -21.02 -3.89 3.71
N SER A 11 -22.08 -4.14 2.93
CA SER A 11 -22.97 -5.29 3.12
C SER A 11 -22.53 -6.57 2.43
N GLY A 12 -21.27 -6.66 2.02
CA GLY A 12 -20.77 -7.87 1.40
C GLY A 12 -21.34 -8.09 0.00
N LEU A 13 -21.10 -7.12 -0.87
CA LEU A 13 -21.37 -7.28 -2.29
C LEU A 13 -20.08 -6.96 -3.03
N PHE A 14 -19.78 -7.75 -4.05
CA PHE A 14 -18.58 -7.54 -4.86
C PHE A 14 -18.84 -6.43 -5.89
N GLN A 15 -18.84 -5.21 -5.39
CA GLN A 15 -19.13 -4.04 -6.17
C GLN A 15 -18.18 -2.93 -5.79
N PHE A 16 -17.85 -2.08 -6.78
CA PHE A 16 -17.26 -0.77 -6.53
C PHE A 16 -18.39 0.18 -6.16
N GLU A 17 -18.19 0.99 -5.13
CA GLU A 17 -19.25 1.89 -4.63
C GLU A 17 -18.70 3.30 -4.38
N PRO A 18 -19.10 4.30 -5.18
CA PRO A 18 -19.97 4.22 -6.34
C PRO A 18 -19.25 3.65 -7.57
N ALA A 19 -20.01 2.91 -8.38
CA ALA A 19 -19.44 2.32 -9.61
C ALA A 19 -19.11 3.37 -10.64
N ASN A 20 -19.96 4.38 -10.77
CA ASN A 20 -19.73 5.48 -11.70
C ASN A 20 -19.43 6.78 -10.99
N VAL A 21 -18.38 7.46 -11.40
CA VAL A 21 -17.95 8.73 -10.81
C VAL A 21 -17.65 9.68 -11.96
N THR A 22 -18.18 10.91 -11.89
CA THR A 22 -17.79 11.94 -12.83
C THR A 22 -16.85 12.90 -12.12
N VAL A 23 -15.72 13.18 -12.76
CA VAL A 23 -14.69 14.02 -12.18
C VAL A 23 -14.35 15.11 -13.17
N HIS A 24 -13.75 16.17 -12.66
CA HIS A 24 -13.26 17.25 -13.47
C HIS A 24 -11.75 17.28 -13.40
N PRO A 25 -11.10 17.86 -14.41
CA PRO A 25 -9.65 17.90 -14.37
C PRO A 25 -9.11 18.45 -13.06
N GLY A 26 -8.12 17.75 -12.50
CA GLY A 26 -7.52 18.06 -11.20
C GLY A 26 -8.08 17.24 -10.04
N ASP A 27 -9.19 16.56 -10.26
CA ASP A 27 -9.80 15.76 -9.19
C ASP A 27 -9.04 14.41 -9.06
N THR A 28 -9.18 13.81 -7.89
CA THR A 28 -8.60 12.52 -7.59
C THR A 28 -9.68 11.49 -7.31
N VAL A 29 -9.43 10.28 -7.76
CA VAL A 29 -10.24 9.14 -7.38
C VAL A 29 -9.39 8.26 -6.49
N LYS A 30 -9.91 7.95 -5.32
CA LYS A 30 -9.18 7.11 -4.36
C LYS A 30 -9.98 5.85 -4.09
N TRP A 31 -9.40 4.68 -4.42
CA TRP A 31 -10.01 3.40 -4.14
C TRP A 31 -9.52 2.93 -2.80
N VAL A 32 -10.46 2.47 -1.98
CA VAL A 32 -10.18 1.98 -0.63
CA VAL A 32 -10.13 1.96 -0.65
C VAL A 32 -10.69 0.55 -0.50
N ASN A 33 -9.83 -0.35 -0.08
CA ASN A 33 -10.18 -1.76 0.05
C ASN A 33 -11.06 -1.98 1.25
N ASN A 34 -12.31 -2.36 1.02
CA ASN A 34 -13.25 -2.35 2.11
C ASN A 34 -13.63 -3.72 2.64
N LYS A 35 -14.32 -4.51 1.81
CA LYS A 35 -14.83 -5.82 2.18
C LYS A 35 -14.58 -6.84 1.08
N LEU A 36 -14.52 -8.11 1.46
CA LEU A 36 -14.51 -9.25 0.51
C LEU A 36 -13.33 -9.22 -0.46
N PRO A 37 -12.10 -9.09 0.06
CA PRO A 37 -10.99 -9.09 -0.87
CA PRO A 37 -10.91 -9.14 -0.79
C PRO A 37 -10.69 -10.49 -1.47
N PRO A 38 -9.77 -10.55 -2.43
CA PRO A 38 -8.97 -9.46 -2.97
C PRO A 38 -9.70 -8.71 -4.06
N HIS A 39 -9.20 -7.50 -4.30
CA HIS A 39 -9.66 -6.69 -5.42
C HIS A 39 -8.45 -6.15 -6.15
N ASN A 40 -8.64 -5.86 -7.43
CA ASN A 40 -7.71 -5.05 -8.19
C ASN A 40 -8.49 -4.12 -9.14
N ILE A 41 -7.77 -3.28 -9.89
CA ILE A 41 -8.35 -2.23 -10.68
C ILE A 41 -7.66 -2.26 -12.05
N LEU A 42 -8.38 -2.79 -13.04
CA LEU A 42 -7.85 -2.98 -14.38
C LEU A 42 -8.57 -2.16 -15.41
N PHE A 43 -7.80 -1.43 -16.23
CA PHE A 43 -8.33 -0.74 -17.40
C PHE A 43 -7.82 -1.44 -18.64
N ASP A 44 -8.71 -2.00 -19.45
CA ASP A 44 -8.30 -2.55 -20.73
C ASP A 44 -7.89 -1.42 -21.65
N ASP A 45 -7.03 -1.76 -22.59
CA ASP A 45 -6.51 -0.77 -23.54
C ASP A 45 -7.62 -0.09 -24.35
N LYS A 46 -8.70 -0.79 -24.67
CA LYS A 46 -9.74 -0.20 -25.50
C LYS A 46 -10.84 0.46 -24.66
N GLN A 47 -10.58 0.67 -23.37
CA GLN A 47 -11.56 1.17 -22.45
C GLN A 47 -11.18 2.51 -21.81
N VAL A 48 -10.16 3.17 -22.35
CA VAL A 48 -9.73 4.49 -21.97
C VAL A 48 -9.76 5.38 -23.24
N PRO A 49 -9.76 6.71 -23.05
CA PRO A 49 -9.85 7.55 -24.23
C PRO A 49 -8.71 7.31 -25.22
N GLY A 50 -9.09 7.26 -26.48
CA GLY A 50 -8.16 7.01 -27.55
C GLY A 50 -7.65 5.59 -27.64
N ALA A 51 -8.15 4.75 -26.75
CA ALA A 51 -7.79 3.34 -26.75
C ALA A 51 -6.25 3.19 -26.62
N SER A 52 -5.68 4.01 -25.75
CA SER A 52 -4.26 3.97 -25.48
C SER A 52 -3.87 2.91 -24.46
N LYS A 53 -3.19 1.85 -24.92
CA LYS A 53 -2.65 0.88 -23.98
C LYS A 53 -1.62 1.48 -23.00
N GLU A 54 -0.81 2.42 -23.47
CA GLU A 54 0.18 3.10 -22.61
C GLU A 54 -0.54 3.72 -21.41
N LEU A 55 -1.63 4.42 -21.70
CA LEU A 55 -2.41 5.10 -20.65
C LEU A 55 -3.09 4.09 -19.74
N ALA A 56 -3.76 3.11 -20.35
CA ALA A 56 -4.50 2.12 -19.57
C ALA A 56 -3.57 1.33 -18.66
N ASP A 57 -2.40 0.98 -19.17
CA ASP A 57 -1.45 0.24 -18.34
C ASP A 57 -0.93 1.05 -17.17
N LYS A 58 -0.68 2.35 -17.40
CA LYS A 58 -0.15 3.18 -16.32
C LYS A 58 -1.16 3.31 -15.19
N LEU A 59 -2.44 3.32 -15.54
CA LEU A 59 -3.46 3.55 -14.54
C LEU A 59 -3.91 2.27 -13.83
N SER A 60 -3.74 1.14 -14.48
CA SER A 60 -4.16 -0.14 -13.91
C SER A 60 -3.35 -0.47 -12.67
N HIS A 61 -4.02 -0.99 -11.63
CA HIS A 61 -3.37 -1.57 -10.46
C HIS A 61 -3.69 -3.04 -10.50
N SER A 62 -2.93 -3.81 -11.28
CA SER A 62 -3.20 -5.22 -11.42
C SER A 62 -2.89 -6.04 -10.18
N GLN A 63 -1.99 -5.56 -9.33
CA GLN A 63 -1.69 -6.33 -8.13
C GLN A 63 -2.89 -6.38 -7.18
N LEU A 64 -3.04 -7.51 -6.49
CA LEU A 64 -4.20 -7.78 -5.66
C LEU A 64 -4.06 -7.11 -4.30
N MET A 65 -5.14 -6.48 -3.88
CA MET A 65 -5.21 -5.83 -2.56
CA MET A 65 -5.20 -5.82 -2.58
C MET A 65 -6.07 -6.68 -1.64
N PHE A 66 -5.50 -7.06 -0.48
CA PHE A 66 -6.18 -7.98 0.46
C PHE A 66 -6.53 -7.37 1.82
N SER A 67 -5.79 -6.39 2.26
CA SER A 67 -5.97 -5.88 3.62
CA SER A 67 -5.97 -5.87 3.61
CA SER A 67 -5.99 -5.88 3.62
C SER A 67 -6.92 -4.68 3.64
N PRO A 68 -7.79 -4.65 4.65
CA PRO A 68 -8.75 -3.56 4.71
C PRO A 68 -8.05 -2.23 4.79
N GLY A 69 -8.56 -1.26 4.05
CA GLY A 69 -7.99 0.06 4.07
C GLY A 69 -6.86 0.33 3.11
N GLU A 70 -6.30 -0.72 2.48
CA GLU A 70 -5.30 -0.53 1.43
C GLU A 70 -5.92 0.38 0.38
N SER A 71 -5.09 1.22 -0.23
CA SER A 71 -5.62 2.21 -1.17
C SER A 71 -4.71 2.44 -2.38
N TYR A 72 -5.34 2.97 -3.41
CA TYR A 72 -4.71 3.36 -4.65
C TYR A 72 -5.45 4.56 -5.18
N GLU A 73 -4.75 5.58 -5.69
CA GLU A 73 -5.42 6.74 -6.22
C GLU A 73 -4.86 7.16 -7.55
N ILE A 74 -5.72 7.80 -8.32
CA ILE A 74 -5.30 8.46 -9.56
C ILE A 74 -5.79 9.89 -9.51
N THR A 75 -4.87 10.83 -9.72
CA THR A 75 -5.26 12.23 -9.91
C THR A 75 -5.42 12.51 -11.40
N PHE A 76 -6.66 12.78 -11.83
CA PHE A 76 -6.96 12.98 -13.25
C PHE A 76 -6.70 14.45 -13.58
N SER A 77 -5.42 14.75 -13.68
CA SER A 77 -4.94 16.09 -13.95
C SER A 77 -5.27 16.50 -15.36
N SER A 78 -5.01 17.78 -15.66
CA SER A 78 -5.45 18.36 -16.92
C SER A 78 -4.76 17.66 -18.07
N ASP A 79 -3.69 16.93 -17.79
CA ASP A 79 -2.93 16.23 -18.82
CA ASP A 79 -2.94 16.25 -18.82
C ASP A 79 -3.52 14.88 -19.19
N PHE A 80 -4.62 14.51 -18.54
CA PHE A 80 -5.39 13.31 -18.89
C PHE A 80 -6.39 13.65 -19.95
N PRO A 81 -6.55 12.78 -20.94
CA PRO A 81 -7.63 12.96 -21.88
C PRO A 81 -9.00 12.90 -21.22
N ALA A 82 -9.89 13.80 -21.61
CA ALA A 82 -11.29 13.73 -21.23
C ALA A 82 -11.94 12.50 -21.86
N GLY A 83 -12.98 12.01 -21.20
CA GLY A 83 -13.72 10.85 -21.64
C GLY A 83 -13.88 9.82 -20.56
N THR A 84 -14.26 8.61 -20.95
CA THR A 84 -14.56 7.57 -20.01
C THR A 84 -13.41 6.57 -19.86
N TYR A 85 -13.21 6.19 -18.61
CA TYR A 85 -12.20 5.22 -18.20
C TYR A 85 -12.95 4.09 -17.48
N THR A 86 -13.16 2.98 -18.18
CA THR A 86 -13.95 1.87 -17.65
C THR A 86 -13.01 0.79 -17.15
N TYR A 87 -13.32 0.28 -15.97
CA TYR A 87 -12.42 -0.61 -15.26
C TYR A 87 -13.15 -1.79 -14.67
N TYR A 88 -12.39 -2.78 -14.21
CA TYR A 88 -12.97 -3.97 -13.59
C TYR A 88 -11.98 -4.59 -12.64
N CYS A 89 -12.52 -5.43 -11.76
CA CYS A 89 -11.79 -6.24 -10.81
C CYS A 89 -11.69 -7.66 -11.39
N ALA A 90 -10.47 -8.15 -11.61
CA ALA A 90 -10.34 -9.49 -12.18
C ALA A 90 -10.86 -10.61 -11.25
N PRO A 91 -10.46 -10.63 -9.96
CA PRO A 91 -10.98 -11.69 -9.09
C PRO A 91 -12.49 -11.84 -9.04
N HIS A 92 -13.20 -10.72 -9.18
CA HIS A 92 -14.67 -10.66 -9.09
CA HIS A 92 -14.66 -10.72 -9.11
C HIS A 92 -15.32 -10.23 -10.38
N ARG A 93 -14.65 -10.47 -11.50
CA ARG A 93 -15.19 -10.05 -12.77
C ARG A 93 -16.55 -10.65 -13.06
N GLY A 94 -16.71 -11.94 -12.73
CA GLY A 94 -17.99 -12.65 -12.93
C GLY A 94 -19.14 -12.15 -12.09
N ALA A 95 -18.83 -11.42 -11.02
CA ALA A 95 -19.85 -10.75 -10.23
C ALA A 95 -20.18 -9.37 -10.76
N GLY A 96 -19.58 -8.97 -11.86
CA GLY A 96 -19.86 -7.65 -12.41
C GLY A 96 -19.26 -6.54 -11.57
N MET A 97 -18.10 -6.80 -10.98
CA MET A 97 -17.41 -5.79 -10.20
C MET A 97 -16.64 -4.91 -11.16
N VAL A 98 -17.34 -3.88 -11.62
CA VAL A 98 -16.91 -2.97 -12.67
C VAL A 98 -17.19 -1.53 -12.27
N GLY A 99 -16.52 -0.60 -12.93
CA GLY A 99 -16.82 0.78 -12.75
C GLY A 99 -16.41 1.64 -13.91
N LYS A 100 -16.71 2.91 -13.80
CA LYS A 100 -16.40 3.85 -14.85
C LYS A 100 -16.16 5.21 -14.28
N ILE A 101 -15.03 5.80 -14.66
CA ILE A 101 -14.71 7.18 -14.32
CA ILE A 101 -14.70 7.18 -14.30
C ILE A 101 -14.89 8.01 -15.57
N THR A 102 -15.70 9.06 -15.47
CA THR A 102 -15.88 9.97 -16.57
C THR A 102 -15.14 11.26 -16.25
N VAL A 103 -14.15 11.57 -17.05
CA VAL A 103 -13.43 12.82 -16.91
C VAL A 103 -14.08 13.87 -17.80
N GLU A 104 -14.46 14.97 -17.14
CA GLU A 104 -15.09 16.18 -17.67
C GLU A 104 -16.51 15.88 -18.08
N GLU B 1 8.37 20.47 20.33
CA GLU B 1 7.17 20.95 19.55
C GLU B 1 6.12 19.87 19.61
N THR B 2 4.85 20.26 19.68
CA THR B 2 3.75 19.31 19.67
C THR B 2 2.95 19.43 18.38
N PHE B 3 2.71 18.29 17.74
CA PHE B 3 1.97 18.20 16.49
C PHE B 3 0.64 17.54 16.78
N THR B 4 -0.44 18.23 16.45
CA THR B 4 -1.77 17.68 16.65
C THR B 4 -2.28 16.94 15.43
N VAL B 5 -2.87 15.76 15.69
CA VAL B 5 -3.52 14.95 14.67
C VAL B 5 -4.97 14.79 15.06
N LYS B 6 -5.87 15.23 14.18
CA LYS B 6 -7.29 15.04 14.36
C LYS B 6 -7.68 13.59 14.07
N MET B 7 -8.51 13.02 14.94
CA MET B 7 -9.12 11.71 14.69
C MET B 7 -10.49 11.97 14.14
N GLY B 8 -10.62 11.84 12.82
CA GLY B 8 -11.78 12.29 12.08
C GLY B 8 -11.60 13.67 11.50
N ALA B 9 -11.93 13.85 10.23
CA ALA B 9 -11.85 15.16 9.58
C ALA B 9 -13.03 15.96 10.07
N ASP B 10 -12.95 17.29 9.95
CA ASP B 10 -14.09 18.13 10.38
C ASP B 10 -15.40 17.75 9.65
N SER B 11 -15.27 17.29 8.41
CA SER B 11 -16.39 16.78 7.61
C SER B 11 -16.95 15.46 8.07
N GLY B 12 -16.25 14.78 8.98
CA GLY B 12 -16.60 13.48 9.44
C GLY B 12 -15.90 12.32 8.76
N LEU B 13 -15.20 12.59 7.66
CA LEU B 13 -14.48 11.53 6.96
C LEU B 13 -13.55 10.82 7.96
N PHE B 14 -13.44 9.52 7.79
CA PHE B 14 -12.73 8.67 8.73
C PHE B 14 -11.23 8.69 8.38
N GLN B 15 -10.60 9.79 8.74
CA GLN B 15 -9.21 10.07 8.41
C GLN B 15 -8.53 10.65 9.64
N PHE B 16 -7.26 10.30 9.82
CA PHE B 16 -6.35 11.04 10.68
C PHE B 16 -5.85 12.24 9.88
N GLU B 17 -5.84 13.41 10.50
CA GLU B 17 -5.46 14.63 9.79
C GLU B 17 -4.49 15.47 10.58
N PRO B 18 -3.24 15.64 10.10
CA PRO B 18 -2.64 15.07 8.90
C PRO B 18 -2.34 13.60 9.07
N ALA B 19 -2.46 12.85 8.00
CA ALA B 19 -2.17 11.41 8.03
C ALA B 19 -0.69 11.15 8.23
N ASN B 20 0.15 11.97 7.59
CA ASN B 20 1.60 11.87 7.70
C ASN B 20 2.16 13.09 8.42
N VAL B 21 2.98 12.84 9.44
CA VAL B 21 3.59 13.91 10.23
C VAL B 21 5.05 13.53 10.42
N THR B 22 5.93 14.51 10.22
CA THR B 22 7.34 14.32 10.48
C THR B 22 7.70 15.14 11.70
N VAL B 23 8.40 14.50 12.62
CA VAL B 23 8.74 15.10 13.89
C VAL B 23 10.23 14.85 14.18
N HIS B 24 10.75 15.60 15.14
CA HIS B 24 12.13 15.44 15.57
C HIS B 24 12.18 14.81 16.93
N PRO B 25 13.31 14.17 17.27
CA PRO B 25 13.40 13.61 18.60
C PRO B 25 13.06 14.64 19.67
N GLY B 26 12.28 14.21 20.65
CA GLY B 26 11.81 15.07 21.70
C GLY B 26 10.45 15.69 21.47
N ASP B 27 9.97 15.65 20.23
CA ASP B 27 8.65 16.19 19.91
C ASP B 27 7.53 15.24 20.33
N THR B 28 6.33 15.80 20.40
CA THR B 28 5.16 15.09 20.83
C THR B 28 4.12 15.09 19.72
N VAL B 29 3.48 13.95 19.53
CA VAL B 29 2.30 13.85 18.69
C VAL B 29 1.10 13.69 19.62
N LYS B 30 0.11 14.55 19.41
CA LYS B 30 -1.09 14.60 20.21
C LYS B 30 -2.29 14.30 19.31
N TRP B 31 -2.93 13.15 19.52
CA TRP B 31 -4.18 12.82 18.84
C TRP B 31 -5.35 13.39 19.61
N VAL B 32 -6.21 14.09 18.90
CA VAL B 32 -7.40 14.70 19.50
CA VAL B 32 -7.40 14.68 19.52
C VAL B 32 -8.65 14.10 18.85
N ASN B 33 -9.58 13.63 19.67
CA ASN B 33 -10.78 12.97 19.16
C ASN B 33 -11.75 14.00 18.60
N ASN B 34 -11.99 13.95 17.30
CA ASN B 34 -12.69 15.05 16.62
C ASN B 34 -14.11 14.71 16.22
N LYS B 35 -14.28 13.89 15.19
CA LYS B 35 -15.56 13.61 14.61
C LYS B 35 -15.83 12.13 14.45
N LEU B 36 -17.10 11.77 14.59
CA LEU B 36 -17.61 10.41 14.46
C LEU B 36 -16.80 9.36 15.19
N PRO B 37 -16.65 9.55 16.51
CA PRO B 37 -16.02 8.51 17.33
C PRO B 37 -16.93 7.29 17.40
N PRO B 38 -16.38 6.13 17.81
CA PRO B 38 -15.06 5.92 18.39
C PRO B 38 -13.95 5.74 17.39
N HIS B 39 -12.73 6.03 17.85
CA HIS B 39 -11.50 5.73 17.12
C HIS B 39 -10.53 5.05 18.08
N ASN B 40 -9.56 4.33 17.53
CA ASN B 40 -8.41 3.94 18.32
C ASN B 40 -7.15 4.07 17.49
N ILE B 41 -6.01 3.75 18.09
CA ILE B 41 -4.70 4.01 17.49
C ILE B 41 -3.81 2.78 17.71
N LEU B 42 -3.60 2.02 16.64
CA LEU B 42 -2.89 0.74 16.71
C LEU B 42 -1.63 0.79 15.89
N PHE B 43 -0.53 0.32 16.49
CA PHE B 43 0.72 0.11 15.78
C PHE B 43 1.02 -1.36 15.78
N ASP B 44 1.13 -1.98 14.58
CA ASP B 44 1.55 -3.37 14.53
C ASP B 44 3.02 -3.51 14.85
N ASP B 45 3.40 -4.70 15.30
CA ASP B 45 4.78 -4.96 15.68
C ASP B 45 5.76 -4.76 14.54
N LYS B 46 5.32 -4.99 13.30
CA LYS B 46 6.23 -4.81 12.14
C LYS B 46 6.20 -3.42 11.56
N GLN B 47 5.48 -2.50 12.21
CA GLN B 47 5.24 -1.17 11.66
CA GLN B 47 5.26 -1.17 11.65
C GLN B 47 5.87 -0.07 12.48
N VAL B 48 6.79 -0.43 13.38
CA VAL B 48 7.58 0.54 14.12
C VAL B 48 9.07 0.19 13.94
N PRO B 49 9.95 1.15 14.19
CA PRO B 49 11.38 0.85 13.88
C PRO B 49 11.91 -0.34 14.68
N GLY B 50 12.74 -1.15 14.02
CA GLY B 50 13.22 -2.41 14.58
C GLY B 50 12.21 -3.52 14.75
N ALA B 51 10.98 -3.30 14.31
CA ALA B 51 9.91 -4.31 14.41
C ALA B 51 9.77 -4.84 15.85
N SER B 52 9.82 -3.91 16.78
CA SER B 52 9.70 -4.19 18.20
C SER B 52 8.25 -4.25 18.67
N LYS B 53 7.78 -5.45 18.99
CA LYS B 53 6.42 -5.62 19.51
CA LYS B 53 6.42 -5.63 19.51
C LYS B 53 6.27 -4.93 20.85
N GLU B 54 7.29 -4.97 21.69
CA GLU B 54 7.20 -4.30 22.99
C GLU B 54 6.91 -2.81 22.78
N LEU B 55 7.64 -2.20 21.88
CA LEU B 55 7.45 -0.78 21.61
C LEU B 55 6.06 -0.54 21.00
N ALA B 56 5.71 -1.31 19.97
CA ALA B 56 4.41 -1.12 19.31
C ALA B 56 3.24 -1.28 20.26
N ASP B 57 3.30 -2.26 21.16
CA ASP B 57 2.23 -2.46 22.12
C ASP B 57 2.16 -1.30 23.10
N LYS B 58 3.30 -0.80 23.55
CA LYS B 58 3.26 0.33 24.49
C LYS B 58 2.61 1.55 23.83
N LEU B 59 2.86 1.77 22.56
CA LEU B 59 2.34 2.94 21.88
C LEU B 59 0.88 2.84 21.51
N SER B 60 0.41 1.62 21.28
CA SER B 60 -0.95 1.38 20.83
C SER B 60 -1.99 1.71 21.89
N HIS B 61 -2.94 2.56 21.51
CA HIS B 61 -4.11 2.82 22.34
C HIS B 61 -5.25 2.01 21.75
N SER B 62 -5.32 0.73 22.08
CA SER B 62 -6.34 -0.15 21.53
C SER B 62 -7.75 0.10 22.07
N GLN B 63 -7.84 0.66 23.28
CA GLN B 63 -9.15 0.94 23.83
C GLN B 63 -9.83 2.05 23.02
N LEU B 64 -11.15 1.94 22.93
CA LEU B 64 -11.93 2.81 22.08
C LEU B 64 -12.16 4.16 22.73
N MET B 65 -11.93 5.21 21.96
CA MET B 65 -12.04 6.57 22.40
CA MET B 65 -12.03 6.58 22.41
C MET B 65 -13.30 7.18 21.84
N PHE B 66 -14.21 7.54 22.75
CA PHE B 66 -15.57 7.94 22.39
C PHE B 66 -15.88 9.43 22.60
N SER B 67 -15.06 10.12 23.38
CA SER B 67 -15.38 11.48 23.80
CA SER B 67 -15.40 11.46 23.80
C SER B 67 -14.66 12.52 22.95
N PRO B 68 -15.41 13.33 22.17
CA PRO B 68 -14.74 14.39 21.43
C PRO B 68 -13.91 15.27 22.36
N GLY B 69 -12.71 15.61 21.91
CA GLY B 69 -11.83 16.49 22.64
C GLY B 69 -10.87 15.77 23.57
N GLU B 70 -11.11 14.49 23.86
CA GLU B 70 -10.13 13.76 24.65
C GLU B 70 -8.90 13.56 23.76
N SER B 71 -7.76 13.37 24.39
CA SER B 71 -6.54 13.22 23.63
C SER B 71 -5.62 12.17 24.17
N TYR B 72 -4.69 11.75 23.30
CA TYR B 72 -3.65 10.77 23.65
C TYR B 72 -2.36 11.26 22.99
N GLU B 73 -1.27 11.26 23.76
CA GLU B 73 0.01 11.84 23.32
C GLU B 73 1.11 10.78 23.42
N ILE B 74 2.03 10.84 22.46
CA ILE B 74 3.30 10.13 22.55
C ILE B 74 4.43 11.16 22.36
N THR B 75 5.38 11.22 23.30
CA THR B 75 6.56 12.05 23.15
C THR B 75 7.68 11.14 22.71
N PHE B 76 8.19 11.42 21.52
CA PHE B 76 9.26 10.61 20.92
C PHE B 76 10.64 10.99 21.46
N SER B 77 10.82 10.68 22.75
CA SER B 77 12.07 10.89 23.46
C SER B 77 13.20 10.06 22.85
N SER B 78 14.39 10.22 23.40
CA SER B 78 15.57 9.57 22.85
C SER B 78 15.54 8.06 22.98
N ASP B 79 14.68 7.52 23.83
CA ASP B 79 14.52 6.06 23.87
C ASP B 79 13.74 5.49 22.67
N PHE B 80 13.03 6.35 21.95
CA PHE B 80 12.28 5.94 20.76
C PHE B 80 13.21 5.97 19.55
N PRO B 81 13.32 4.86 18.80
CA PRO B 81 14.16 4.90 17.61
C PRO B 81 13.67 5.84 16.52
N ALA B 82 14.59 6.42 15.77
CA ALA B 82 14.23 7.15 14.56
C ALA B 82 13.63 6.19 13.53
N GLY B 83 12.81 6.76 12.66
CA GLY B 83 12.19 6.03 11.57
C GLY B 83 10.70 6.21 11.57
N THR B 84 10.02 5.27 10.90
CA THR B 84 8.59 5.40 10.67
C THR B 84 7.75 4.52 11.60
N TYR B 85 6.66 5.13 12.04
CA TYR B 85 5.68 4.49 12.91
C TYR B 85 4.33 4.55 12.21
N THR B 86 3.86 3.44 11.66
CA THR B 86 2.65 3.42 10.87
C THR B 86 1.54 2.83 11.73
N TYR B 87 0.38 3.49 11.74
CA TYR B 87 -0.73 3.13 12.63
C TYR B 87 -2.06 3.13 11.89
N TYR B 88 -3.08 2.59 12.53
CA TYR B 88 -4.42 2.53 11.97
C TYR B 88 -5.44 2.55 13.08
N CYS B 89 -6.66 2.83 12.68
CA CYS B 89 -7.86 2.79 13.52
C CYS B 89 -8.65 1.52 13.19
N ALA B 90 -8.88 0.65 14.16
CA ALA B 90 -9.59 -0.59 13.89
C ALA B 90 -11.04 -0.40 13.45
N PRO B 91 -11.85 0.38 14.20
CA PRO B 91 -13.23 0.50 13.73
CA PRO B 91 -13.22 0.69 13.81
C PRO B 91 -13.39 1.08 12.34
N HIS B 92 -12.41 1.84 11.83
CA HIS B 92 -12.50 2.37 10.48
CA HIS B 92 -12.48 2.41 10.49
C HIS B 92 -11.36 1.93 9.58
N ARG B 93 -10.86 0.74 9.87
CA ARG B 93 -9.75 0.18 9.06
C ARG B 93 -10.15 0.06 7.60
N GLY B 94 -11.36 -0.41 7.32
CA GLY B 94 -11.82 -0.54 5.95
C GLY B 94 -12.08 0.76 5.22
N ALA B 95 -12.14 1.86 5.95
CA ALA B 95 -12.22 3.20 5.36
C ALA B 95 -10.86 3.80 5.11
N GLY B 96 -9.80 3.06 5.43
CA GLY B 96 -8.46 3.56 5.26
C GLY B 96 -8.03 4.61 6.25
N MET B 97 -8.53 4.54 7.48
CA MET B 97 -8.13 5.46 8.53
C MET B 97 -6.79 5.02 9.11
N VAL B 98 -5.74 5.57 8.50
CA VAL B 98 -4.34 5.18 8.72
C VAL B 98 -3.49 6.42 8.87
N GLY B 99 -2.33 6.28 9.45
CA GLY B 99 -1.40 7.38 9.50
C GLY B 99 0.02 6.91 9.67
N LYS B 100 0.96 7.85 9.59
CA LYS B 100 2.37 7.54 9.72
C LYS B 100 3.08 8.69 10.37
N ILE B 101 3.83 8.39 11.42
CA ILE B 101 4.73 9.35 12.05
CA ILE B 101 4.72 9.35 12.07
C ILE B 101 6.16 9.01 11.67
N THR B 102 6.89 9.99 11.15
CA THR B 102 8.31 9.79 10.81
C THR B 102 9.12 10.59 11.81
N VAL B 103 9.98 9.91 12.57
CA VAL B 103 10.90 10.56 13.51
C VAL B 103 12.23 10.70 12.80
N GLU B 104 12.70 11.94 12.66
CA GLU B 104 13.94 12.23 11.93
C GLU B 104 14.43 13.62 12.24
N GLU C 1 28.91 -5.40 -7.18
CA GLU C 1 28.67 -6.76 -6.65
C GLU C 1 27.31 -7.28 -7.16
N THR C 2 27.25 -8.57 -7.49
CA THR C 2 25.96 -9.21 -7.83
C THR C 2 25.60 -10.18 -6.72
N PHE C 3 24.39 -10.01 -6.18
CA PHE C 3 23.87 -10.90 -5.14
C PHE C 3 22.81 -11.76 -5.76
N THR C 4 22.90 -13.06 -5.52
CA THR C 4 21.92 -14.02 -5.99
C THR C 4 20.90 -14.34 -4.92
N VAL C 5 19.64 -14.36 -5.35
CA VAL C 5 18.53 -14.72 -4.48
C VAL C 5 17.85 -15.89 -5.16
N LYS C 6 17.83 -17.03 -4.46
CA LYS C 6 17.16 -18.22 -4.93
C LYS C 6 15.66 -18.07 -4.72
N MET C 7 14.91 -18.44 -5.73
CA MET C 7 13.46 -18.47 -5.62
C MET C 7 13.05 -19.91 -5.30
N GLY C 8 12.69 -20.13 -4.03
CA GLY C 8 12.48 -21.46 -3.50
C GLY C 8 13.73 -21.90 -2.76
N ALA C 9 13.56 -22.34 -1.52
CA ALA C 9 14.69 -22.91 -0.77
C ALA C 9 15.10 -24.24 -1.36
N ASP C 10 16.38 -24.60 -1.19
CA ASP C 10 16.83 -25.94 -1.59
C ASP C 10 15.93 -27.04 -1.00
N SER C 11 15.46 -26.82 0.22
CA SER C 11 14.45 -27.69 0.87
C SER C 11 13.05 -27.71 0.23
N GLY C 12 12.76 -26.77 -0.66
CA GLY C 12 11.45 -26.69 -1.30
C GLY C 12 10.53 -25.66 -0.65
N LEU C 13 10.86 -25.23 0.57
CA LEU C 13 10.08 -24.19 1.24
C LEU C 13 9.94 -22.96 0.34
N PHE C 14 8.78 -22.33 0.43
CA PHE C 14 8.43 -21.26 -0.50
C PHE C 14 8.99 -19.97 0.03
N GLN C 15 10.29 -19.80 -0.16
CA GLN C 15 11.03 -18.68 0.39
C GLN C 15 12.00 -18.13 -0.65
N PHE C 16 12.19 -16.82 -0.63
CA PHE C 16 13.33 -16.20 -1.28
C PHE C 16 14.51 -16.37 -0.32
N GLU C 17 15.66 -16.75 -0.87
CA GLU C 17 16.85 -17.04 -0.04
C GLU C 17 18.11 -16.40 -0.65
N PRO C 18 18.68 -15.37 -0.01
CA PRO C 18 18.22 -14.72 1.20
C PRO C 18 17.02 -13.79 0.97
N ALA C 19 16.14 -13.74 1.96
CA ALA C 19 14.93 -12.93 1.87
C ALA C 19 15.28 -11.46 1.93
N ASN C 20 16.25 -11.11 2.78
CA ASN C 20 16.71 -9.74 2.91
C ASN C 20 18.14 -9.60 2.40
N VAL C 21 18.34 -8.62 1.51
CA VAL C 21 19.64 -8.33 0.90
C VAL C 21 19.86 -6.84 0.99
N THR C 22 21.04 -6.45 1.47
CA THR C 22 21.43 -5.07 1.47
C THR C 22 22.41 -4.88 0.34
N VAL C 23 22.26 -3.79 -0.40
CA VAL C 23 23.12 -3.55 -1.53
C VAL C 23 23.63 -2.12 -1.55
N HIS C 24 24.70 -1.93 -2.32
CA HIS C 24 25.27 -0.63 -2.55
C HIS C 24 24.83 -0.17 -3.92
N PRO C 25 24.72 1.15 -4.12
CA PRO C 25 24.47 1.66 -5.46
C PRO C 25 25.41 1.05 -6.51
N GLY C 26 24.84 0.64 -7.65
CA GLY C 26 25.58 -0.03 -8.71
C GLY C 26 25.53 -1.56 -8.64
N ASP C 27 25.09 -2.10 -7.50
CA ASP C 27 25.03 -3.55 -7.33
C ASP C 27 23.83 -4.10 -8.08
N THR C 28 23.90 -5.38 -8.39
CA THR C 28 22.82 -6.11 -9.07
C THR C 28 22.27 -7.19 -8.15
N VAL C 29 20.95 -7.35 -8.16
CA VAL C 29 20.31 -8.49 -7.53
C VAL C 29 19.80 -9.37 -8.64
N LYS C 30 20.14 -10.66 -8.56
CA LYS C 30 19.79 -11.63 -9.59
C LYS C 30 18.97 -12.72 -8.95
N TRP C 31 17.70 -12.80 -9.34
CA TRP C 31 16.81 -13.86 -8.88
C TRP C 31 16.97 -15.05 -9.79
N VAL C 32 17.15 -16.23 -9.20
CA VAL C 32 17.36 -17.46 -9.94
C VAL C 32 16.32 -18.46 -9.48
N ASN C 33 15.58 -19.01 -10.44
CA ASN C 33 14.48 -19.91 -10.12
C ASN C 33 15.05 -21.24 -9.63
N ASN C 34 14.76 -21.61 -8.39
CA ASN C 34 15.45 -22.73 -7.72
C ASN C 34 14.58 -23.97 -7.58
N LYS C 35 13.54 -23.89 -6.74
CA LYS C 35 12.71 -25.04 -6.38
C LYS C 35 11.23 -24.67 -6.32
N LEU C 36 10.39 -25.65 -6.61
CA LEU C 36 8.95 -25.55 -6.48
C LEU C 36 8.34 -24.32 -7.20
N PRO C 37 8.56 -24.26 -8.51
CA PRO C 37 7.91 -23.24 -9.33
C PRO C 37 6.40 -23.38 -9.41
N PRO C 38 5.72 -22.35 -9.93
CA PRO C 38 6.26 -21.11 -10.43
C PRO C 38 6.46 -20.05 -9.38
N HIS C 39 7.29 -19.08 -9.71
CA HIS C 39 7.46 -17.88 -8.89
C HIS C 39 7.41 -16.64 -9.73
N ASN C 40 7.06 -15.53 -9.08
CA ASN C 40 7.23 -14.23 -9.68
C ASN C 40 7.70 -13.23 -8.63
N ILE C 41 7.91 -11.99 -9.05
CA ILE C 41 8.58 -10.97 -8.25
C ILE C 41 7.79 -9.68 -8.39
N LEU C 42 6.98 -9.36 -7.39
CA LEU C 42 6.11 -8.19 -7.45
C LEU C 42 6.50 -7.15 -6.40
N PHE C 43 6.59 -5.91 -6.85
CA PHE C 43 6.76 -4.76 -5.94
C PHE C 43 5.50 -3.90 -6.03
N ASP C 44 4.77 -3.76 -4.92
CA ASP C 44 3.63 -2.83 -4.90
C ASP C 44 4.12 -1.40 -4.96
N ASP C 45 3.27 -0.50 -5.46
CA ASP C 45 3.60 0.90 -5.60
C ASP C 45 3.97 1.56 -4.27
N LYS C 46 3.44 1.08 -3.16
CA LYS C 46 3.73 1.68 -1.86
C LYS C 46 4.88 1.04 -1.14
N GLN C 47 5.53 0.09 -1.79
CA GLN C 47 6.59 -0.70 -1.15
CA GLN C 47 6.59 -0.71 -1.16
C GLN C 47 7.97 -0.43 -1.74
N VAL C 48 8.08 0.63 -2.52
CA VAL C 48 9.34 1.12 -3.05
C VAL C 48 9.54 2.55 -2.56
N PRO C 49 10.78 3.04 -2.58
CA PRO C 49 11.03 4.40 -2.13
C PRO C 49 10.19 5.44 -2.84
N GLY C 50 9.58 6.31 -2.06
CA GLY C 50 8.73 7.37 -2.59
C GLY C 50 7.38 6.90 -3.07
N ALA C 51 7.08 5.62 -2.84
CA ALA C 51 5.80 5.07 -3.25
C ALA C 51 5.51 5.30 -4.74
N SER C 52 6.54 5.17 -5.57
CA SER C 52 6.44 5.40 -7.00
C SER C 52 5.89 4.18 -7.75
N LYS C 53 4.69 4.28 -8.29
CA LYS C 53 4.12 3.18 -9.06
CA LYS C 53 4.11 3.18 -9.05
C LYS C 53 4.91 2.96 -10.35
N GLU C 54 5.39 4.02 -10.97
CA GLU C 54 6.17 3.87 -12.20
C GLU C 54 7.41 3.00 -11.92
N LEU C 55 8.11 3.30 -10.83
CA LEU C 55 9.28 2.51 -10.43
C LEU C 55 8.91 1.07 -10.08
N ALA C 56 7.90 0.88 -9.22
CA ALA C 56 7.49 -0.47 -8.82
C ALA C 56 7.05 -1.36 -10.01
N ASP C 57 6.31 -0.77 -10.92
CA ASP C 57 5.85 -1.48 -12.10
C ASP C 57 7.00 -1.89 -12.99
N LYS C 58 8.00 -1.02 -13.16
CA LYS C 58 9.16 -1.32 -14.03
C LYS C 58 9.93 -2.48 -13.44
N LEU C 59 10.01 -2.53 -12.11
CA LEU C 59 10.80 -3.57 -11.45
C LEU C 59 10.08 -4.90 -11.30
N SER C 60 8.76 -4.88 -11.22
CA SER C 60 7.96 -6.09 -11.04
C SER C 60 8.06 -7.02 -12.24
N HIS C 61 8.29 -8.30 -11.97
CA HIS C 61 8.28 -9.36 -12.99
C HIS C 61 7.05 -10.19 -12.69
N SER C 62 5.89 -9.75 -13.16
CA SER C 62 4.65 -10.46 -12.89
C SER C 62 4.52 -11.78 -13.61
N GLN C 63 5.18 -11.93 -14.76
CA GLN C 63 5.09 -13.20 -15.48
C GLN C 63 5.71 -14.33 -14.67
N LEU C 64 5.11 -15.51 -14.79
CA LEU C 64 5.51 -16.66 -13.98
C LEU C 64 6.73 -17.35 -14.54
N MET C 65 7.68 -17.63 -13.66
CA MET C 65 8.90 -18.33 -14.01
CA MET C 65 8.90 -18.35 -14.01
C MET C 65 8.81 -19.80 -13.57
N PHE C 66 8.99 -20.72 -14.53
CA PHE C 66 8.87 -22.16 -14.27
C PHE C 66 10.14 -23.01 -14.39
N SER C 67 11.07 -22.57 -15.22
CA SER C 67 12.19 -23.45 -15.53
CA SER C 67 12.25 -23.35 -15.61
C SER C 67 13.34 -23.19 -14.58
N PRO C 68 13.97 -24.30 -14.13
CA PRO C 68 15.06 -24.15 -13.18
C PRO C 68 16.16 -23.32 -13.76
N GLY C 69 16.68 -22.39 -12.96
CA GLY C 69 17.72 -21.56 -13.45
C GLY C 69 17.29 -20.29 -14.21
N GLU C 70 16.02 -20.19 -14.66
CA GLU C 70 15.41 -18.93 -15.30
C GLU C 70 15.79 -17.81 -14.31
N SER C 71 16.24 -16.69 -14.84
CA SER C 71 16.63 -15.59 -13.97
C SER C 71 16.11 -14.25 -14.42
N TYR C 72 16.13 -13.32 -13.47
CA TYR C 72 15.73 -11.96 -13.69
C TYR C 72 16.63 -11.11 -12.79
N GLU C 73 17.13 -10.00 -13.33
CA GLU C 73 18.06 -9.13 -12.58
C GLU C 73 17.59 -7.69 -12.59
N ILE C 74 17.92 -7.00 -11.51
CA ILE C 74 17.81 -5.54 -11.40
C ILE C 74 19.16 -5.01 -10.94
N THR C 75 19.69 -4.07 -11.70
CA THR C 75 20.88 -3.35 -11.27
C THR C 75 20.41 -2.03 -10.63
N PHE C 76 20.69 -1.87 -9.33
CA PHE C 76 20.27 -0.69 -8.56
C PHE C 76 21.29 0.42 -8.74
N SER C 77 21.27 0.99 -9.95
CA SER C 77 22.14 2.09 -10.32
C SER C 77 21.75 3.35 -9.56
N SER C 78 22.51 4.40 -9.80
N SER C 78 22.48 4.43 -9.81
CA SER C 78 22.33 5.74 -9.20
CA SER C 78 22.28 5.69 -9.08
C SER C 78 20.91 6.29 -9.27
C SER C 78 20.93 6.37 -9.30
N ASP C 79 20.23 6.03 -10.38
CA ASP C 79 18.89 6.54 -10.63
C ASP C 79 17.88 5.95 -9.67
N PHE C 80 18.21 4.83 -9.06
CA PHE C 80 17.33 4.20 -8.12
C PHE C 80 17.48 4.95 -6.83
N PRO C 81 16.36 5.35 -6.23
CA PRO C 81 16.46 5.91 -4.90
C PRO C 81 16.94 4.92 -3.86
N ALA C 82 17.68 5.42 -2.87
CA ALA C 82 18.00 4.61 -1.72
C ALA C 82 16.74 4.35 -0.91
N GLY C 83 16.76 3.28 -0.14
CA GLY C 83 15.61 2.84 0.66
C GLY C 83 15.29 1.36 0.48
N THR C 84 14.12 0.96 0.97
CA THR C 84 13.70 -0.44 0.94
C THR C 84 12.75 -0.72 -0.21
N TYR C 85 12.97 -1.88 -0.83
CA TYR C 85 12.13 -2.36 -1.91
C TYR C 85 11.61 -3.72 -1.48
N THR C 86 10.36 -3.79 -1.03
CA THR C 86 9.78 -5.01 -0.49
C THR C 86 8.95 -5.65 -1.57
N TYR C 87 9.08 -6.96 -1.69
CA TYR C 87 8.49 -7.68 -2.81
C TYR C 87 7.92 -8.98 -2.36
N TYR C 88 7.08 -9.58 -3.20
CA TYR C 88 6.48 -10.86 -2.86
C TYR C 88 6.26 -11.65 -4.15
N CYS C 89 6.02 -12.94 -3.93
CA CYS C 89 5.65 -13.90 -4.98
C CYS C 89 4.14 -14.15 -4.92
N ALA C 90 3.42 -13.90 -6.01
CA ALA C 90 1.97 -14.06 -5.97
C ALA C 90 1.52 -15.51 -5.80
N PRO C 91 2.11 -16.44 -6.60
CA PRO C 91 1.69 -17.84 -6.41
C PRO C 91 1.80 -18.38 -4.98
N HIS C 92 2.75 -17.87 -4.22
CA HIS C 92 3.03 -18.33 -2.85
CA HIS C 92 2.98 -18.32 -2.85
C HIS C 92 2.86 -17.21 -1.84
N ARG C 93 2.04 -16.22 -2.17
CA ARG C 93 1.82 -15.12 -1.25
C ARG C 93 1.32 -15.64 0.11
N GLY C 94 0.43 -16.63 0.10
CA GLY C 94 -0.15 -17.15 1.33
C GLY C 94 0.83 -17.91 2.18
N ALA C 95 1.92 -18.37 1.59
CA ALA C 95 3.00 -19.03 2.33
C ALA C 95 4.01 -18.02 2.91
N GLY C 96 3.80 -16.73 2.62
CA GLY C 96 4.71 -15.68 3.04
C GLY C 96 6.03 -15.64 2.30
N MET C 97 5.98 -15.89 1.00
CA MET C 97 7.15 -15.82 0.14
C MET C 97 7.38 -14.37 -0.25
N VAL C 98 8.18 -13.73 0.60
CA VAL C 98 8.44 -12.29 0.54
C VAL C 98 9.93 -12.01 0.64
N GLY C 99 10.32 -10.82 0.24
CA GLY C 99 11.69 -10.38 0.37
C GLY C 99 11.80 -8.89 0.46
N LYS C 100 13.03 -8.43 0.72
CA LYS C 100 13.32 -7.03 0.79
C LYS C 100 14.73 -6.78 0.31
N ILE C 101 14.87 -5.80 -0.58
CA ILE C 101 16.16 -5.29 -0.97
C ILE C 101 16.31 -3.91 -0.34
N THR C 102 17.40 -3.68 0.40
CA THR C 102 17.69 -2.35 0.94
C THR C 102 18.86 -1.78 0.18
N VAL C 103 18.62 -0.67 -0.50
CA VAL C 103 19.66 0.07 -1.20
C VAL C 103 20.20 1.12 -0.24
N GLU C 104 21.51 1.03 0.06
CA GLU C 104 22.12 1.93 1.04
C GLU C 104 22.17 3.35 0.49
CU CU1 D . -13.14 -7.24 -6.49
ZN ZN E . -7.43 -5.39 -24.45
ZN ZN F . -18.30 19.83 -16.31
CU CU1 G . -11.29 5.87 13.39
ZN ZN H . -0.74 -0.86 -4.57
CU CU1 I . 7.05 -18.32 -5.12
ZN ZN J . 11.36 -12.88 -17.46
#